data_6KPC
#
_entry.id   6KPC
#
_cell.length_a   33.960
_cell.length_b   140.220
_cell.length_c   156.260
_cell.angle_alpha   90.000
_cell.angle_beta   90.000
_cell.angle_gamma   90.000
#
_symmetry.space_group_name_H-M   'P 21 21 21'
#
loop_
_entity.id
_entity.type
_entity.pdbx_description
1 polymer 'Cannabinoid receptor 2,Endolysin'
2 non-polymer '7-[(6aR,9R,10aR)-1-Hydroxy-9-(hydroxymethyl)-6,6-dimethyl-6a,7,8,9,10,10a-hexahydro-6H-benzo[c]chromen-3-yl]- 7-methyloctanenitrile'
#
_entity_poly.entity_id   1
_entity_poly.type   'polypeptide(L)'
_entity_poly.pdbx_seq_one_letter_code
;MKTIIALSYIFCLVFAGAPPMKDYMILSGPQKTAVAVLCTLLGLLSALENVAVLYLILSSHQLRRKPSYLFIGSLALADF
LASVVFACSFVNFHVFHGVDSKAVFLLKIGSVTMTFTASVGSLLLAAIDRYLCLRYPPSYKALLTRGRALVLLGIMWVLS
ALVSYLPLMGWTCCPRPCSELFPLIPNDYLLSWLLFIAFLFSGIIYTYAHVLWKAHQHVASNIFEMLRIDEGLRLKIYKD
TEGYYTIGIGHLLTKSPSLNAAKSELDKAIGRNTNGVITKDEAEKLFNQDVDAAVRGILRNAKLKPVYDSLDAVRRAALI
NMVFQMGETGVAGFTNSLRMLQQKRWDEAAVNLAKSRWYNQTPNRAKRVITTFRTGTWDAYARMRLDVELAKTLGLVLAV
LLICWFPVLALMAHSLATTLSDQVKKAFAFCSMLCLINSMVNPVIYALRSEEIRSSAHHCLAHWKKCVRGLGEFLEVLFQ
GPHHHHHHHHHHDYKDDDDK
;
_entity_poly.pdbx_strand_id   A
#
loop_
_chem_comp.id
_chem_comp.type
_chem_comp.name
_chem_comp.formula
E3R non-polymer '7-[(6aR,9R,10aR)-1-Hydroxy-9-(hydroxymethyl)-6,6-dimethyl-6a,7,8,9,10,10a-hexahydro-6H-benzo[c]chromen-3-yl]- 7-methyloctanenitrile' 'C25 H37 N O3'
#
# COMPACT_ATOMS: atom_id res chain seq x y z
N ALA A 18 20.31 5.82 -43.06
CA ALA A 18 19.10 5.69 -42.25
C ALA A 18 18.13 4.66 -42.84
N PRO A 19 17.55 3.76 -41.99
CA PRO A 19 16.63 2.73 -42.52
C PRO A 19 15.25 3.27 -42.91
N PRO A 20 14.58 2.66 -43.93
CA PRO A 20 13.26 3.19 -44.35
C PRO A 20 12.15 3.02 -43.33
N MET A 21 11.14 3.91 -43.40
CA MET A 21 9.98 3.94 -42.52
C MET A 21 9.06 2.73 -42.69
N LYS A 22 8.89 2.24 -43.93
CA LYS A 22 8.04 1.08 -44.21
C LYS A 22 8.64 -0.24 -43.68
N ASP A 23 9.98 -0.28 -43.49
CA ASP A 23 10.73 -1.44 -42.99
C ASP A 23 10.37 -1.84 -41.55
N TYR A 24 9.73 -0.93 -40.79
CA TYR A 24 9.31 -1.16 -39.41
C TYR A 24 7.84 -1.58 -39.34
N MET A 25 7.16 -1.66 -40.50
CA MET A 25 5.77 -2.06 -40.62
C MET A 25 5.72 -3.53 -41.05
N ILE A 26 5.48 -4.44 -40.09
CA ILE A 26 5.43 -5.87 -40.41
C ILE A 26 4.08 -6.48 -39.98
N LEU A 27 3.27 -6.90 -40.99
CA LEU A 27 1.95 -7.51 -40.82
C LEU A 27 1.77 -8.72 -41.72
N SER A 28 1.91 -9.92 -41.16
CA SER A 28 1.71 -11.15 -41.91
C SER A 28 0.21 -11.49 -41.95
N GLY A 29 -0.50 -10.79 -42.83
CA GLY A 29 -1.93 -10.96 -43.08
C GLY A 29 -2.87 -10.69 -41.91
N PRO A 30 -3.51 -11.76 -41.36
CA PRO A 30 -4.49 -11.57 -40.26
C PRO A 30 -4.00 -10.87 -38.99
N GLN A 31 -2.66 -10.76 -38.78
CA GLN A 31 -2.11 -10.07 -37.60
C GLN A 31 -2.31 -8.54 -37.69
N LYS A 32 -2.61 -8.01 -38.90
CA LYS A 32 -2.90 -6.59 -39.12
C LYS A 32 -4.30 -6.29 -38.59
N THR A 33 -5.27 -7.19 -38.85
CA THR A 33 -6.65 -7.04 -38.38
C THR A 33 -6.78 -7.48 -36.92
N ALA A 34 -5.79 -8.25 -36.40
CA ALA A 34 -5.73 -8.69 -35.00
C ALA A 34 -5.37 -7.51 -34.08
N VAL A 35 -4.41 -6.66 -34.52
CA VAL A 35 -4.00 -5.45 -33.80
C VAL A 35 -5.16 -4.45 -33.90
N ALA A 36 -5.78 -4.35 -35.09
CA ALA A 36 -6.92 -3.48 -35.36
C ALA A 36 -8.12 -3.76 -34.46
N VAL A 37 -8.37 -5.03 -34.10
CA VAL A 37 -9.50 -5.39 -33.25
C VAL A 37 -9.13 -5.24 -31.75
N LEU A 38 -7.89 -5.61 -31.36
CA LEU A 38 -7.44 -5.54 -29.97
C LEU A 38 -7.04 -4.14 -29.51
N CYS A 39 -6.04 -3.53 -30.19
CA CYS A 39 -5.49 -2.21 -29.88
C CYS A 39 -6.53 -1.08 -29.90
N THR A 40 -7.50 -1.14 -30.84
CA THR A 40 -8.54 -0.11 -30.94
C THR A 40 -9.57 -0.27 -29.80
N LEU A 41 -9.91 -1.52 -29.46
CA LEU A 41 -10.86 -1.82 -28.38
C LEU A 41 -10.26 -1.53 -27.01
N LEU A 42 -9.03 -2.03 -26.73
CA LEU A 42 -8.32 -1.85 -25.46
C LEU A 42 -7.93 -0.39 -25.20
N GLY A 43 -7.53 0.32 -26.25
CA GLY A 43 -7.12 1.72 -26.19
C GLY A 43 -8.26 2.68 -25.89
N LEU A 44 -9.47 2.36 -26.38
CA LEU A 44 -10.68 3.16 -26.16
C LEU A 44 -11.25 2.84 -24.77
N LEU A 45 -11.15 1.57 -24.34
CA LEU A 45 -11.63 1.10 -23.04
C LEU A 45 -10.69 1.59 -21.92
N SER A 46 -9.38 1.75 -22.22
CA SER A 46 -8.37 2.23 -21.26
C SER A 46 -8.59 3.72 -20.97
N ALA A 47 -8.91 4.52 -22.02
CA ALA A 47 -9.19 5.95 -21.92
C ALA A 47 -10.55 6.21 -21.27
N LEU A 48 -11.43 5.17 -21.22
CA LEU A 48 -12.76 5.20 -20.63
C LEU A 48 -12.68 5.12 -19.09
N GLU A 49 -11.76 4.27 -18.58
CA GLU A 49 -11.53 4.07 -17.14
C GLU A 49 -10.73 5.21 -16.52
N ASN A 50 -9.68 5.67 -17.22
CA ASN A 50 -8.81 6.77 -16.78
C ASN A 50 -9.57 8.06 -16.56
N VAL A 51 -10.51 8.38 -17.47
CA VAL A 51 -11.36 9.57 -17.37
C VAL A 51 -12.38 9.40 -16.22
N ALA A 52 -12.77 8.15 -15.91
CA ALA A 52 -13.69 7.81 -14.81
C ALA A 52 -12.99 7.87 -13.46
N VAL A 53 -11.65 8.01 -13.47
CA VAL A 53 -10.78 8.11 -12.29
C VAL A 53 -10.31 9.57 -12.10
N LEU A 54 -9.85 10.21 -13.20
CA LEU A 54 -9.36 11.60 -13.22
C LEU A 54 -10.39 12.61 -12.73
N TYR A 55 -11.66 12.42 -13.12
CA TYR A 55 -12.77 13.28 -12.70
C TYR A 55 -13.17 12.95 -11.26
N LEU A 56 -13.20 11.64 -10.90
CA LEU A 56 -13.57 11.11 -9.58
C LEU A 56 -12.79 11.72 -8.41
N ILE A 57 -11.47 11.96 -8.59
CA ILE A 57 -10.60 12.57 -7.58
C ILE A 57 -11.00 14.04 -7.35
N LEU A 58 -11.32 14.78 -8.43
CA LEU A 58 -11.74 16.18 -8.36
C LEU A 58 -13.22 16.34 -7.98
N SER A 59 -14.04 15.29 -8.19
CA SER A 59 -15.48 15.25 -7.88
C SER A 59 -15.75 15.15 -6.38
N SER A 60 -14.98 14.31 -5.66
CA SER A 60 -15.11 14.12 -4.21
C SER A 60 -14.19 15.06 -3.44
N HIS A 61 -14.75 15.74 -2.42
CA HIS A 61 -14.05 16.71 -1.57
C HIS A 61 -12.99 16.08 -0.66
N GLN A 62 -13.23 14.84 -0.19
CA GLN A 62 -12.30 14.12 0.70
C GLN A 62 -11.11 13.49 -0.04
N LEU A 63 -11.23 13.28 -1.37
CA LEU A 63 -10.18 12.66 -2.18
C LEU A 63 -9.18 13.68 -2.76
N ARG A 64 -9.67 14.84 -3.21
CA ARG A 64 -8.88 15.92 -3.83
C ARG A 64 -7.80 16.54 -2.92
N ARG A 65 -8.09 16.67 -1.61
CA ARG A 65 -7.19 17.27 -0.62
C ARG A 65 -5.93 16.45 -0.30
N LYS A 66 -6.08 15.11 -0.18
CA LYS A 66 -5.00 14.16 0.16
C LYS A 66 -3.88 14.08 -0.92
N PRO A 67 -2.58 14.00 -0.53
CA PRO A 67 -1.51 13.92 -1.53
C PRO A 67 -1.35 12.57 -2.22
N SER A 68 -1.83 11.48 -1.58
CA SER A 68 -1.76 10.11 -2.12
C SER A 68 -2.56 9.98 -3.42
N TYR A 69 -3.73 10.63 -3.48
CA TYR A 69 -4.65 10.64 -4.62
C TYR A 69 -4.19 11.60 -5.73
N LEU A 70 -3.22 12.49 -5.42
CA LEU A 70 -2.62 13.41 -6.38
C LEU A 70 -1.68 12.61 -7.29
N PHE A 71 -1.16 11.47 -6.79
CA PHE A 71 -0.28 10.55 -7.51
C PHE A 71 -1.09 9.49 -8.25
N ILE A 72 -2.29 9.17 -7.73
CA ILE A 72 -3.24 8.23 -8.32
C ILE A 72 -3.86 8.92 -9.56
N GLY A 73 -4.18 10.20 -9.40
CA GLY A 73 -4.72 11.06 -10.45
C GLY A 73 -3.71 11.32 -11.55
N SER A 74 -2.44 11.58 -11.16
CA SER A 74 -1.31 11.81 -12.08
C SER A 74 -1.00 10.56 -12.86
N LEU A 75 -1.23 9.37 -12.27
CA LEU A 75 -1.03 8.10 -12.96
C LEU A 75 -2.12 7.98 -14.04
N ALA A 76 -3.40 8.22 -13.66
CA ALA A 76 -4.56 8.20 -14.56
C ALA A 76 -4.42 9.23 -15.69
N LEU A 77 -3.76 10.38 -15.41
CA LEU A 77 -3.47 11.46 -16.37
C LEU A 77 -2.42 10.99 -17.36
N ALA A 78 -1.36 10.34 -16.86
CA ALA A 78 -0.26 9.79 -17.65
C ALA A 78 -0.74 8.58 -18.46
N ASP A 79 -1.78 7.89 -17.94
CA ASP A 79 -2.39 6.72 -18.57
C ASP A 79 -3.38 7.11 -19.65
N PHE A 80 -4.27 8.11 -19.37
CA PHE A 80 -5.28 8.59 -20.33
C PHE A 80 -4.62 9.10 -21.60
N LEU A 81 -3.59 9.96 -21.45
CA LEU A 81 -2.82 10.54 -22.55
C LEU A 81 -2.06 9.44 -23.32
N ALA A 82 -1.47 8.46 -22.61
CA ALA A 82 -0.76 7.32 -23.23
C ALA A 82 -1.73 6.40 -23.99
N SER A 83 -2.94 6.17 -23.43
CA SER A 83 -4.00 5.33 -24.02
C SER A 83 -4.52 5.88 -25.35
N VAL A 84 -4.47 7.21 -25.52
CA VAL A 84 -4.92 7.86 -26.75
C VAL A 84 -3.73 8.07 -27.71
N VAL A 85 -2.58 8.58 -27.22
CA VAL A 85 -1.39 8.82 -28.04
C VAL A 85 -0.78 7.51 -28.58
N PHE A 86 -0.61 6.48 -27.73
CA PHE A 86 -0.07 5.19 -28.17
C PHE A 86 -1.01 4.44 -29.15
N ALA A 87 -2.29 4.23 -28.79
CA ALA A 87 -3.29 3.52 -29.60
C ALA A 87 -3.59 4.19 -30.94
N CYS A 88 -3.46 5.52 -31.00
CA CYS A 88 -3.67 6.29 -32.22
C CYS A 88 -2.52 6.00 -33.18
N SER A 89 -1.27 6.32 -32.75
CA SER A 89 -0.04 6.14 -33.53
C SER A 89 0.36 4.69 -33.81
N PHE A 90 0.01 3.72 -32.95
CA PHE A 90 0.35 2.30 -33.16
C PHE A 90 -0.52 1.66 -34.24
N VAL A 91 -1.85 1.93 -34.23
CA VAL A 91 -2.80 1.44 -35.23
C VAL A 91 -2.55 2.17 -36.58
N ASN A 92 -2.25 3.49 -36.50
CA ASN A 92 -1.94 4.35 -37.63
C ASN A 92 -0.76 3.79 -38.41
N PHE A 93 0.41 3.67 -37.74
CA PHE A 93 1.67 3.18 -38.29
C PHE A 93 1.64 1.71 -38.72
N HIS A 94 1.13 0.80 -37.87
CA HIS A 94 1.17 -0.62 -38.22
C HIS A 94 0.01 -1.07 -39.10
N VAL A 95 -1.24 -0.99 -38.61
CA VAL A 95 -2.45 -1.43 -39.34
C VAL A 95 -2.72 -0.62 -40.64
N PHE A 96 -2.69 0.73 -40.58
CA PHE A 96 -2.98 1.57 -41.73
C PHE A 96 -1.75 2.13 -42.45
N HIS A 97 -0.55 1.60 -42.16
CA HIS A 97 0.76 1.96 -42.74
C HIS A 97 1.04 3.51 -42.76
N GLY A 98 0.49 4.20 -41.76
CA GLY A 98 0.57 5.66 -41.63
C GLY A 98 1.90 6.29 -41.24
N VAL A 99 2.25 7.37 -41.97
CA VAL A 99 3.44 8.20 -41.78
C VAL A 99 3.05 9.68 -41.95
N ASP A 100 2.87 10.36 -40.80
CA ASP A 100 2.40 11.75 -40.73
C ASP A 100 3.41 12.78 -41.25
N SER A 101 4.67 12.73 -40.77
CA SER A 101 5.82 13.57 -41.16
C SER A 101 7.10 12.98 -40.55
N LYS A 102 8.26 13.58 -40.86
CA LYS A 102 9.55 13.15 -40.33
C LYS A 102 9.77 13.80 -38.96
N ALA A 103 9.28 15.04 -38.78
CA ALA A 103 9.38 15.77 -37.52
C ALA A 103 8.22 15.40 -36.59
N VAL A 104 7.01 15.19 -37.15
CA VAL A 104 5.79 14.80 -36.41
C VAL A 104 5.97 13.42 -35.76
N PHE A 105 6.70 12.51 -36.43
CA PHE A 105 6.98 11.19 -35.87
C PHE A 105 7.79 11.29 -34.58
N LEU A 106 8.82 12.16 -34.55
CA LEU A 106 9.65 12.37 -33.35
C LEU A 106 8.85 13.01 -32.21
N LEU A 107 7.70 13.63 -32.56
CA LEU A 107 6.76 14.22 -31.63
C LEU A 107 5.83 13.14 -31.09
N LYS A 108 5.31 12.25 -31.97
CA LYS A 108 4.41 11.12 -31.63
C LYS A 108 5.06 10.21 -30.60
N ILE A 109 6.26 9.68 -30.97
CA ILE A 109 7.07 8.77 -30.17
C ILE A 109 7.47 9.42 -28.83
N GLY A 110 7.89 10.68 -28.89
CA GLY A 110 8.29 11.48 -27.73
C GLY A 110 7.15 11.70 -26.75
N SER A 111 5.91 11.84 -27.28
CA SER A 111 4.68 12.00 -26.51
C SER A 111 4.30 10.69 -25.82
N VAL A 112 4.54 9.53 -26.51
CA VAL A 112 4.27 8.20 -25.94
C VAL A 112 5.31 7.95 -24.83
N THR A 113 6.60 8.21 -25.14
CA THR A 113 7.75 8.07 -24.24
C THR A 113 7.56 8.88 -22.95
N MET A 114 6.98 10.10 -23.05
CA MET A 114 6.73 10.97 -21.89
C MET A 114 5.57 10.47 -21.03
N THR A 115 4.42 10.19 -21.65
CA THR A 115 3.21 9.73 -20.95
C THR A 115 3.44 8.41 -20.18
N PHE A 116 4.19 7.46 -20.76
CA PHE A 116 4.49 6.17 -20.12
C PHE A 116 5.59 6.28 -19.06
N THR A 117 6.57 7.21 -19.23
CA THR A 117 7.63 7.44 -18.24
C THR A 117 7.00 8.13 -17.01
N ALA A 118 6.03 9.03 -17.26
CA ALA A 118 5.29 9.76 -16.23
C ALA A 118 4.37 8.84 -15.41
N SER A 119 3.94 7.69 -16.00
CA SER A 119 3.12 6.68 -15.31
C SER A 119 3.98 6.01 -14.23
N VAL A 120 5.22 5.63 -14.61
CA VAL A 120 6.23 5.00 -13.78
C VAL A 120 6.60 5.95 -12.63
N GLY A 121 6.91 7.20 -12.96
CA GLY A 121 7.25 8.27 -12.02
C GLY A 121 6.12 8.58 -11.06
N SER A 122 4.85 8.57 -11.57
CA SER A 122 3.63 8.81 -10.77
C SER A 122 3.52 7.79 -9.65
N LEU A 123 3.84 6.52 -9.96
CA LEU A 123 3.83 5.41 -9.01
C LEU A 123 5.00 5.49 -8.04
N LEU A 124 6.17 6.02 -8.50
CA LEU A 124 7.36 6.18 -7.64
C LEU A 124 7.06 7.18 -6.55
N LEU A 125 6.35 8.26 -6.89
CA LEU A 125 5.95 9.28 -5.93
C LEU A 125 4.87 8.72 -4.99
N ALA A 126 3.98 7.84 -5.51
CA ALA A 126 2.93 7.16 -4.75
C ALA A 126 3.56 6.18 -3.75
N ALA A 127 4.68 5.52 -4.16
CA ALA A 127 5.48 4.59 -3.35
C ALA A 127 6.25 5.35 -2.26
N ILE A 128 6.81 6.54 -2.61
CA ILE A 128 7.54 7.45 -1.70
C ILE A 128 6.55 8.02 -0.69
N ASP A 129 5.33 8.36 -1.16
CA ASP A 129 4.23 8.87 -0.35
C ASP A 129 3.88 7.87 0.76
N ARG A 130 3.80 6.58 0.41
CA ARG A 130 3.47 5.50 1.34
C ARG A 130 4.61 5.18 2.30
N TYR A 131 5.88 5.31 1.84
CA TYR A 131 7.07 5.08 2.68
C TYR A 131 7.06 6.07 3.85
N LEU A 132 6.93 7.38 3.54
CA LEU A 132 6.90 8.46 4.54
C LEU A 132 5.74 8.29 5.51
N CYS A 133 4.57 7.90 4.99
CA CYS A 133 3.33 7.71 5.74
C CYS A 133 3.43 6.60 6.77
N LEU A 134 4.14 5.50 6.43
CA LEU A 134 4.30 4.33 7.28
C LEU A 134 5.54 4.39 8.19
N ARG A 135 6.68 4.88 7.65
CA ARG A 135 7.94 5.01 8.39
C ARG A 135 7.88 6.15 9.41
N TYR A 136 7.37 7.31 9.01
CA TYR A 136 7.23 8.47 9.88
C TYR A 136 5.75 8.93 9.90
N PRO A 137 4.83 8.19 10.60
CA PRO A 137 3.40 8.57 10.59
C PRO A 137 3.02 9.92 11.24
N PRO A 138 3.45 10.36 12.46
CA PRO A 138 3.00 11.68 12.96
C PRO A 138 3.65 12.88 12.26
N SER A 139 4.81 12.65 11.61
CA SER A 139 5.57 13.67 10.88
C SER A 139 5.32 13.62 9.37
N TYR A 140 4.38 12.76 8.91
CA TYR A 140 4.03 12.62 7.49
C TYR A 140 3.40 13.90 6.95
N LYS A 141 2.27 14.33 7.52
CA LYS A 141 1.49 15.51 7.12
C LYS A 141 2.33 16.80 6.94
N ALA A 142 3.48 16.89 7.64
CA ALA A 142 4.41 18.02 7.57
C ALA A 142 5.54 17.75 6.54
N LEU A 143 5.97 16.48 6.42
CA LEU A 143 7.01 16.06 5.47
C LEU A 143 6.47 16.05 4.04
N LEU A 144 5.16 15.82 3.87
CA LEU A 144 4.47 15.83 2.58
C LEU A 144 3.15 16.60 2.65
N THR A 145 3.10 17.76 1.97
CA THR A 145 1.93 18.65 1.89
C THR A 145 1.39 18.71 0.46
N ARG A 146 0.17 19.27 0.29
CA ARG A 146 -0.53 19.44 -1.00
C ARG A 146 0.39 20.11 -2.04
N GLY A 147 1.09 21.16 -1.60
CA GLY A 147 2.02 21.92 -2.42
C GLY A 147 3.28 21.16 -2.78
N ARG A 148 3.94 20.56 -1.76
CA ARG A 148 5.17 19.77 -1.91
C ARG A 148 4.99 18.61 -2.88
N ALA A 149 3.80 17.97 -2.86
CA ALA A 149 3.44 16.85 -3.75
C ALA A 149 3.39 17.30 -5.21
N LEU A 150 2.79 18.49 -5.46
CA LEU A 150 2.67 19.09 -6.79
C LEU A 150 4.04 19.56 -7.30
N VAL A 151 4.92 20.03 -6.39
CA VAL A 151 6.29 20.45 -6.70
C VAL A 151 7.06 19.21 -7.20
N LEU A 152 6.89 18.08 -6.48
CA LEU A 152 7.49 16.79 -6.80
C LEU A 152 6.92 16.24 -8.10
N LEU A 153 5.62 16.49 -8.37
CA LEU A 153 4.93 16.07 -9.60
C LEU A 153 5.52 16.78 -10.81
N GLY A 154 5.63 18.11 -10.74
CA GLY A 154 6.20 18.94 -11.78
C GLY A 154 7.60 18.51 -12.16
N ILE A 155 8.49 18.35 -11.13
CA ILE A 155 9.90 17.92 -11.26
C ILE A 155 9.99 16.59 -12.04
N MET A 156 9.11 15.65 -11.70
CA MET A 156 8.97 14.34 -12.31
C MET A 156 8.47 14.49 -13.76
N TRP A 157 7.46 15.37 -14.00
CA TRP A 157 6.90 15.64 -15.33
C TRP A 157 7.90 16.31 -16.27
N VAL A 158 8.74 17.21 -15.73
CA VAL A 158 9.77 17.97 -16.46
C VAL A 158 10.90 17.02 -16.88
N LEU A 159 11.39 16.16 -15.95
CA LEU A 159 12.44 15.17 -16.22
C LEU A 159 11.92 14.10 -17.19
N SER A 160 10.59 13.87 -17.16
CA SER A 160 9.90 12.93 -18.05
C SER A 160 10.01 13.48 -19.48
N ALA A 161 9.63 14.75 -19.68
CA ALA A 161 9.68 15.46 -20.97
C ALA A 161 11.10 15.60 -21.51
N LEU A 162 12.10 15.85 -20.64
CA LEU A 162 13.51 16.03 -21.02
C LEU A 162 14.14 14.79 -21.64
N VAL A 163 13.98 13.63 -20.99
CA VAL A 163 14.53 12.36 -21.45
C VAL A 163 13.74 11.83 -22.67
N SER A 164 12.41 12.09 -22.71
CA SER A 164 11.51 11.63 -23.77
C SER A 164 11.61 12.38 -25.11
N TYR A 165 11.78 13.70 -25.07
CA TYR A 165 11.90 14.50 -26.30
C TYR A 165 13.32 14.75 -26.80
N LEU A 166 14.32 14.11 -26.22
CA LEU A 166 15.69 14.35 -26.65
C LEU A 166 15.88 14.02 -28.12
N PRO A 167 15.22 12.89 -28.58
CA PRO A 167 15.44 12.60 -30.01
C PRO A 167 14.82 13.71 -30.83
N LEU A 168 13.66 14.17 -30.37
CA LEU A 168 12.97 15.19 -31.11
C LEU A 168 13.86 16.39 -31.22
N MET A 169 14.57 16.72 -30.15
CA MET A 169 15.47 17.85 -30.20
C MET A 169 16.64 17.57 -31.12
N GLY A 170 17.85 17.60 -30.58
CA GLY A 170 19.05 17.40 -31.36
C GLY A 170 19.57 15.98 -31.45
N TRP A 171 18.87 15.03 -30.86
CA TRP A 171 19.35 13.66 -30.91
C TRP A 171 18.62 12.80 -31.92
N THR A 172 19.38 12.25 -32.85
CA THR A 172 18.85 11.38 -33.89
C THR A 172 20.03 10.52 -34.37
N CYS A 173 19.76 9.42 -35.05
CA CYS A 173 20.88 8.58 -35.48
C CYS A 173 21.46 9.02 -36.83
N CYS A 174 22.65 9.66 -36.77
CA CYS A 174 23.34 10.13 -37.97
C CYS A 174 24.55 9.19 -38.28
N PRO A 175 25.80 9.34 -37.73
CA PRO A 175 26.83 8.33 -38.04
C PRO A 175 26.73 7.09 -37.14
N ARG A 176 26.01 7.23 -36.00
CA ARG A 176 25.75 6.19 -35.01
C ARG A 176 24.66 5.25 -35.51
N PRO A 177 24.74 3.91 -35.25
CA PRO A 177 23.71 2.99 -35.74
C PRO A 177 22.32 3.22 -35.15
N CYS A 178 21.28 3.00 -35.99
CA CYS A 178 19.86 3.19 -35.65
C CYS A 178 19.24 1.92 -35.04
N SER A 179 18.19 2.10 -34.22
CA SER A 179 17.48 0.99 -33.56
C SER A 179 16.53 0.30 -34.53
N GLU A 180 16.53 -1.05 -34.51
CA GLU A 180 15.69 -1.87 -35.40
C GLU A 180 14.23 -1.99 -34.93
N LEU A 181 13.91 -1.44 -33.74
CA LEU A 181 12.56 -1.45 -33.18
C LEU A 181 11.86 -0.12 -33.45
N PHE A 182 12.56 1.00 -33.25
CA PHE A 182 12.03 2.35 -33.45
C PHE A 182 12.79 3.12 -34.55
N PRO A 183 12.08 3.77 -35.49
CA PRO A 183 12.77 4.53 -36.55
C PRO A 183 13.35 5.85 -36.07
N LEU A 184 14.44 6.30 -36.71
CA LEU A 184 15.17 7.57 -36.51
C LEU A 184 15.89 7.71 -35.14
N ILE A 185 15.70 6.77 -34.20
CA ILE A 185 16.29 6.79 -32.86
C ILE A 185 17.54 5.86 -32.78
N PRO A 186 18.67 6.31 -32.16
CA PRO A 186 19.85 5.44 -32.07
C PRO A 186 19.80 4.42 -30.93
N ASN A 187 20.77 3.49 -30.89
CA ASN A 187 20.90 2.46 -29.85
C ASN A 187 21.36 3.09 -28.52
N ASP A 188 22.24 4.10 -28.60
CA ASP A 188 22.80 4.81 -27.46
C ASP A 188 21.76 5.61 -26.67
N TYR A 189 20.77 6.21 -27.35
CA TYR A 189 19.70 6.96 -26.69
C TYR A 189 18.72 6.01 -25.97
N LEU A 190 18.39 4.86 -26.61
CA LEU A 190 17.50 3.86 -26.02
C LEU A 190 18.14 3.28 -24.77
N LEU A 191 19.45 2.95 -24.84
CA LEU A 191 20.27 2.45 -23.72
C LEU A 191 20.14 3.42 -22.55
N SER A 192 20.28 4.72 -22.82
CA SER A 192 20.18 5.80 -21.85
C SER A 192 18.79 5.84 -21.18
N TRP A 193 17.70 5.79 -22.00
CA TRP A 193 16.31 5.79 -21.51
C TRP A 193 15.97 4.53 -20.71
N LEU A 194 16.46 3.36 -21.17
CA LEU A 194 16.25 2.06 -20.52
C LEU A 194 16.92 2.04 -19.17
N LEU A 195 18.17 2.55 -19.10
CA LEU A 195 18.95 2.67 -17.87
C LEU A 195 18.29 3.66 -16.92
N PHE A 196 17.65 4.73 -17.47
CA PHE A 196 16.91 5.74 -16.71
C PHE A 196 15.63 5.15 -16.14
N ILE A 197 14.93 4.33 -16.94
CA ILE A 197 13.69 3.66 -16.54
C ILE A 197 14.00 2.59 -15.50
N ALA A 198 15.10 1.81 -15.68
CA ALA A 198 15.55 0.79 -14.74
C ALA A 198 15.98 1.41 -13.42
N PHE A 199 16.41 2.70 -13.46
CA PHE A 199 16.77 3.51 -12.29
C PHE A 199 15.48 3.88 -11.54
N LEU A 200 14.40 4.24 -12.29
CA LEU A 200 13.08 4.57 -11.73
C LEU A 200 12.44 3.32 -11.12
N PHE A 201 12.66 2.14 -11.76
CA PHE A 201 12.14 0.87 -11.29
C PHE A 201 12.88 0.42 -10.03
N SER A 202 14.23 0.58 -9.99
CA SER A 202 15.07 0.26 -8.83
C SER A 202 14.63 1.10 -7.63
N GLY A 203 14.23 2.34 -7.91
CA GLY A 203 13.70 3.27 -6.92
C GLY A 203 12.39 2.75 -6.37
N ILE A 204 11.48 2.31 -7.27
CA ILE A 204 10.17 1.73 -6.93
C ILE A 204 10.32 0.46 -6.08
N ILE A 205 11.16 -0.50 -6.55
CA ILE A 205 11.40 -1.79 -5.89
C ILE A 205 12.00 -1.58 -4.49
N TYR A 206 13.02 -0.71 -4.37
CA TYR A 206 13.65 -0.42 -3.07
C TYR A 206 12.70 0.29 -2.11
N THR A 207 11.93 1.28 -2.59
CA THR A 207 10.97 2.04 -1.78
C THR A 207 9.78 1.17 -1.36
N TYR A 208 9.20 0.36 -2.28
CA TYR A 208 8.04 -0.49 -1.95
C TYR A 208 8.41 -1.68 -1.06
N ALA A 209 9.64 -2.23 -1.18
CA ALA A 209 10.11 -3.33 -0.32
C ALA A 209 10.14 -2.84 1.14
N HIS A 210 10.40 -1.53 1.32
CA HIS A 210 10.40 -0.85 2.61
C HIS A 210 8.96 -0.59 3.05
N VAL A 211 8.04 -0.25 2.08
CA VAL A 211 6.61 -0.01 2.34
C VAL A 211 5.93 -1.25 2.96
N LEU A 212 6.20 -2.44 2.39
CA LEU A 212 5.66 -3.73 2.89
C LEU A 212 6.21 -4.13 4.26
N TRP A 213 7.47 -3.73 4.54
CA TRP A 213 8.13 -4.01 5.82
C TRP A 213 7.52 -3.18 6.95
N LYS A 214 7.17 -1.90 6.68
CA LYS A 214 6.55 -1.01 7.66
C LYS A 214 5.05 -1.30 7.82
N ALA A 215 4.40 -1.83 6.76
CA ALA A 215 2.98 -2.19 6.78
C ALA A 215 2.79 -3.45 7.63
N HIS A 216 3.79 -4.34 7.60
CA HIS A 216 3.80 -5.57 8.38
C HIS A 216 3.91 -5.24 9.87
N GLN A 217 4.63 -4.14 10.20
CA GLN A 217 4.85 -3.63 11.55
C GLN A 217 3.55 -3.19 12.23
N HIS A 218 2.66 -2.50 11.46
CA HIS A 218 1.36 -1.99 11.91
C HIS A 218 0.27 -3.08 11.98
N VAL A 219 0.39 -4.13 11.13
CA VAL A 219 -0.58 -5.23 11.12
C VAL A 219 -0.15 -6.36 12.09
N ALA A 220 1.06 -6.21 12.60
CA ALA A 220 1.67 -7.18 13.47
C ALA A 220 0.97 -7.10 14.78
N SER A 221 0.62 -8.25 15.31
CA SER A 221 -0.04 -8.27 16.59
C SER A 221 0.38 -9.42 17.46
N ASN A 222 0.41 -9.11 18.74
CA ASN A 222 0.76 -10.01 19.79
C ASN A 222 0.07 -9.32 20.94
N ILE A 223 0.06 -9.94 22.10
CA ILE A 223 -0.62 -9.37 23.24
C ILE A 223 -0.10 -8.00 23.68
N PHE A 224 1.21 -7.78 23.62
CA PHE A 224 1.78 -6.52 24.08
C PHE A 224 1.19 -5.38 23.26
N GLU A 225 1.14 -5.56 21.94
CA GLU A 225 0.58 -4.59 21.00
C GLU A 225 -0.94 -4.51 21.10
N MET A 226 -1.60 -5.56 21.63
CA MET A 226 -3.05 -5.62 21.85
C MET A 226 -3.40 -4.75 23.05
N LEU A 227 -2.84 -5.10 24.24
CA LEU A 227 -3.04 -4.42 25.52
C LEU A 227 -2.41 -3.01 25.55
N ARG A 228 -1.51 -2.71 24.59
CA ARG A 228 -0.89 -1.39 24.44
C ARG A 228 -1.99 -0.41 24.04
N ILE A 229 -2.97 -0.88 23.25
CA ILE A 229 -4.12 -0.10 22.80
C ILE A 229 -5.17 -0.02 23.92
N ASP A 230 -5.54 -1.17 24.50
CA ASP A 230 -6.55 -1.26 25.54
C ASP A 230 -6.13 -0.60 26.86
N GLU A 231 -5.09 -1.09 27.52
CA GLU A 231 -4.63 -0.48 28.77
C GLU A 231 -4.03 0.91 28.58
N GLY A 232 -3.25 1.09 27.52
CA GLY A 232 -2.61 2.36 27.21
C GLY A 232 -1.20 2.49 27.74
N LEU A 233 -0.21 2.32 26.88
CA LEU A 233 1.19 2.43 27.29
C LEU A 233 1.59 3.83 27.71
N ARG A 234 2.38 3.93 28.76
CA ARG A 234 2.84 5.21 29.31
C ARG A 234 4.11 4.97 30.11
N LEU A 235 5.22 5.61 29.72
CA LEU A 235 6.49 5.38 30.42
C LEU A 235 6.71 6.30 31.65
N LYS A 236 5.77 7.22 31.85
CA LYS A 236 5.73 8.19 32.95
C LYS A 236 4.64 7.62 33.92
N ILE A 237 4.71 7.91 35.24
CA ILE A 237 3.70 7.41 36.20
C ILE A 237 2.35 8.09 35.93
N TYR A 238 1.30 7.29 35.71
CA TYR A 238 -0.03 7.84 35.45
C TYR A 238 -1.08 7.39 36.49
N LYS A 239 -2.34 7.79 36.29
CA LYS A 239 -3.47 7.43 37.13
C LYS A 239 -4.49 6.67 36.28
N ASP A 240 -4.93 5.47 36.73
CA ASP A 240 -5.89 4.68 35.97
C ASP A 240 -7.31 5.20 36.23
N THR A 241 -8.32 4.68 35.50
CA THR A 241 -9.74 5.04 35.64
C THR A 241 -10.21 5.02 37.08
N GLU A 242 -9.77 4.01 37.85
CA GLU A 242 -10.08 3.83 39.28
C GLU A 242 -9.44 4.89 40.18
N GLY A 243 -8.45 5.61 39.67
CA GLY A 243 -7.77 6.69 40.37
C GLY A 243 -6.43 6.37 41.02
N TYR A 244 -5.96 5.13 40.92
CA TYR A 244 -4.70 4.74 41.54
C TYR A 244 -3.53 4.93 40.59
N TYR A 245 -2.31 5.08 41.14
CA TYR A 245 -1.09 5.27 40.35
C TYR A 245 -0.67 4.00 39.63
N THR A 246 -0.39 4.14 38.33
CA THR A 246 -0.07 3.06 37.38
C THR A 246 1.12 3.43 36.47
N ILE A 247 1.76 2.43 35.84
CA ILE A 247 2.88 2.63 34.91
C ILE A 247 2.82 1.60 33.76
N GLY A 248 3.17 2.04 32.56
CA GLY A 248 3.20 1.20 31.37
C GLY A 248 1.88 0.61 30.95
N ILE A 249 1.85 -0.73 30.75
CA ILE A 249 0.63 -1.43 30.33
C ILE A 249 -0.12 -1.92 31.58
N GLY A 250 -0.80 -0.95 32.19
CA GLY A 250 -1.64 -1.12 33.37
C GLY A 250 -1.00 -1.64 34.63
N HIS A 251 0.34 -1.56 34.77
CA HIS A 251 1.00 -2.03 35.99
C HIS A 251 0.71 -1.13 37.18
N LEU A 252 -0.30 -1.50 37.98
CA LEU A 252 -0.70 -0.75 39.16
C LEU A 252 0.41 -0.86 40.19
N LEU A 253 0.91 0.29 40.63
CA LEU A 253 2.02 0.37 41.59
C LEU A 253 1.51 0.27 43.03
N THR A 254 0.63 1.20 43.42
CA THR A 254 0.03 1.25 44.75
C THR A 254 -1.38 1.81 44.66
N LYS A 255 -2.25 1.41 45.60
CA LYS A 255 -3.61 1.95 45.66
C LYS A 255 -3.53 3.34 46.31
N SER A 256 -2.54 3.52 47.22
CA SER A 256 -2.20 4.73 48.00
C SER A 256 -2.31 6.07 47.24
N PRO A 257 -2.76 7.17 47.90
CA PRO A 257 -2.85 8.47 47.22
C PRO A 257 -1.53 9.24 47.15
N SER A 258 -0.43 8.62 47.64
CA SER A 258 0.91 9.20 47.65
C SER A 258 1.67 8.84 46.38
N LEU A 259 2.18 9.85 45.66
CA LEU A 259 2.97 9.65 44.44
C LEU A 259 4.37 9.13 44.81
N ASN A 260 4.91 9.55 45.98
CA ASN A 260 6.21 9.12 46.50
C ASN A 260 6.21 7.65 46.88
N ALA A 261 5.04 7.12 47.26
CA ALA A 261 4.82 5.70 47.57
C ALA A 261 4.87 4.94 46.25
N ALA A 262 4.18 5.47 45.21
CA ALA A 262 4.15 4.90 43.87
C ALA A 262 5.55 4.93 43.25
N LYS A 263 6.29 6.06 43.41
CA LYS A 263 7.66 6.28 42.93
C LYS A 263 8.62 5.29 43.58
N SER A 264 8.36 4.91 44.86
CA SER A 264 9.13 3.93 45.62
C SER A 264 8.84 2.53 45.06
N GLU A 265 7.54 2.24 44.78
CA GLU A 265 7.08 0.96 44.23
C GLU A 265 7.66 0.71 42.85
N LEU A 266 7.81 1.80 42.07
CA LEU A 266 8.38 1.79 40.73
C LEU A 266 9.86 1.40 40.80
N ASP A 267 10.64 2.08 41.68
CA ASP A 267 12.06 1.81 41.92
C ASP A 267 12.25 0.36 42.45
N LYS A 268 11.26 -0.17 43.19
CA LYS A 268 11.25 -1.53 43.75
C LYS A 268 11.05 -2.57 42.65
N ALA A 269 10.10 -2.31 41.71
CA ALA A 269 9.73 -3.19 40.59
C ALA A 269 10.71 -3.16 39.41
N ILE A 270 11.49 -2.08 39.26
CA ILE A 270 12.46 -1.95 38.16
C ILE A 270 13.90 -2.23 38.67
N GLY A 271 14.14 -2.03 39.96
CA GLY A 271 15.44 -2.29 40.55
C GLY A 271 16.47 -1.21 40.28
N ARG A 272 16.00 -0.03 39.82
CA ARG A 272 16.85 1.15 39.55
C ARG A 272 16.12 2.45 39.93
N ASN A 273 16.89 3.53 40.17
CA ASN A 273 16.33 4.84 40.52
C ASN A 273 15.78 5.46 39.24
N THR A 274 14.50 5.14 38.96
CA THR A 274 13.76 5.56 37.76
C THR A 274 13.37 7.03 37.78
N ASN A 275 12.93 7.52 38.95
CA ASN A 275 12.46 8.88 39.18
C ASN A 275 11.19 9.20 38.38
N GLY A 276 10.28 8.21 38.31
CA GLY A 276 8.99 8.34 37.64
C GLY A 276 8.96 7.95 36.18
N VAL A 277 10.13 7.77 35.56
CA VAL A 277 10.24 7.40 34.15
C VAL A 277 10.94 6.08 33.98
N ILE A 278 10.34 5.20 33.19
CA ILE A 278 10.94 3.91 32.82
C ILE A 278 11.17 3.87 31.31
N THR A 279 12.07 2.96 30.87
CA THR A 279 12.42 2.74 29.48
C THR A 279 11.31 1.88 28.84
N LYS A 280 11.21 1.84 27.49
CA LYS A 280 10.17 1.02 26.84
C LYS A 280 10.35 -0.49 27.08
N ASP A 281 11.60 -0.98 27.00
CA ASP A 281 11.87 -2.39 27.22
C ASP A 281 11.74 -2.80 28.70
N GLU A 282 11.62 -1.81 29.60
CA GLU A 282 11.39 -1.99 31.03
C GLU A 282 9.92 -2.24 31.18
N ALA A 283 9.10 -1.46 30.45
CA ALA A 283 7.64 -1.60 30.43
C ALA A 283 7.25 -2.93 29.81
N GLU A 284 8.01 -3.37 28.79
CA GLU A 284 7.76 -4.66 28.17
C GLU A 284 8.16 -5.79 29.14
N LYS A 285 9.29 -5.61 29.89
CA LYS A 285 9.79 -6.57 30.88
C LYS A 285 8.74 -6.75 31.97
N LEU A 286 8.33 -5.63 32.57
CA LEU A 286 7.31 -5.56 33.62
C LEU A 286 5.95 -6.08 33.13
N PHE A 287 5.66 -5.95 31.81
CA PHE A 287 4.41 -6.41 31.20
C PHE A 287 4.33 -7.91 31.19
N ASN A 288 5.37 -8.57 30.62
CA ASN A 288 5.47 -10.03 30.53
C ASN A 288 5.55 -10.64 31.92
N GLN A 289 5.93 -9.83 32.92
CA GLN A 289 5.98 -10.21 34.33
C GLN A 289 4.53 -10.36 34.80
N ASP A 290 3.68 -9.40 34.39
CA ASP A 290 2.25 -9.40 34.71
C ASP A 290 1.47 -10.42 33.88
N VAL A 291 1.89 -10.67 32.62
CA VAL A 291 1.23 -11.65 31.75
C VAL A 291 1.43 -13.07 32.30
N ASP A 292 2.68 -13.42 32.66
CA ASP A 292 3.06 -14.71 33.25
C ASP A 292 2.25 -14.97 34.53
N ALA A 293 2.11 -13.90 35.35
CA ALA A 293 1.35 -13.88 36.60
C ALA A 293 -0.15 -14.04 36.33
N ALA A 294 -0.66 -13.45 35.23
CA ALA A 294 -2.06 -13.54 34.81
C ALA A 294 -2.37 -14.97 34.37
N VAL A 295 -1.49 -15.54 33.51
CA VAL A 295 -1.60 -16.92 32.99
C VAL A 295 -1.65 -17.95 34.14
N ARG A 296 -0.77 -17.79 35.15
CA ARG A 296 -0.69 -18.65 36.32
C ARG A 296 -1.98 -18.58 37.15
N GLY A 297 -2.57 -17.39 37.22
CA GLY A 297 -3.82 -17.12 37.94
C GLY A 297 -5.00 -17.88 37.36
N ILE A 298 -5.12 -17.84 36.00
CA ILE A 298 -6.13 -18.53 35.18
C ILE A 298 -5.97 -20.05 35.39
N LEU A 299 -4.71 -20.57 35.31
CA LEU A 299 -4.39 -21.99 35.51
C LEU A 299 -4.75 -22.44 36.91
N ARG A 300 -4.45 -21.59 37.93
CA ARG A 300 -4.78 -21.85 39.33
C ARG A 300 -6.19 -21.34 39.68
N ASN A 301 -7.10 -21.35 38.68
CA ASN A 301 -8.52 -21.00 38.78
C ASN A 301 -9.30 -22.13 38.11
N ALA A 302 -10.13 -22.83 38.91
CA ALA A 302 -10.93 -23.99 38.52
C ALA A 302 -11.91 -23.72 37.39
N LYS A 303 -12.50 -22.52 37.34
CA LYS A 303 -13.49 -22.14 36.32
C LYS A 303 -12.81 -21.60 35.05
N LEU A 304 -11.66 -20.92 35.21
CA LEU A 304 -10.94 -20.33 34.08
C LEU A 304 -10.07 -21.30 33.29
N LYS A 305 -9.31 -22.19 33.98
CA LYS A 305 -8.37 -23.12 33.36
C LYS A 305 -9.00 -23.94 32.19
N PRO A 306 -10.19 -24.60 32.33
CA PRO A 306 -10.75 -25.35 31.17
C PRO A 306 -11.01 -24.49 29.92
N VAL A 307 -11.39 -23.21 30.14
CA VAL A 307 -11.65 -22.21 29.10
C VAL A 307 -10.33 -21.90 28.41
N TYR A 308 -9.27 -21.62 29.19
CA TYR A 308 -7.92 -21.33 28.70
C TYR A 308 -7.36 -22.48 27.86
N ASP A 309 -7.62 -23.75 28.30
CA ASP A 309 -7.17 -24.96 27.63
C ASP A 309 -7.71 -25.09 26.21
N SER A 310 -8.95 -24.65 25.98
CA SER A 310 -9.61 -24.74 24.68
C SER A 310 -9.25 -23.60 23.71
N LEU A 311 -8.93 -22.39 24.25
CA LEU A 311 -8.60 -21.21 23.44
C LEU A 311 -7.21 -21.26 22.77
N ASP A 312 -7.13 -20.69 21.56
CA ASP A 312 -5.92 -20.58 20.72
C ASP A 312 -5.12 -19.33 21.05
N ALA A 313 -3.85 -19.26 20.61
CA ALA A 313 -2.88 -18.19 20.82
C ALA A 313 -3.42 -16.73 20.72
N VAL A 314 -4.54 -16.53 19.96
CA VAL A 314 -5.19 -15.23 19.76
C VAL A 314 -6.30 -15.06 20.82
N ARG A 315 -7.24 -16.03 20.89
CA ARG A 315 -8.39 -16.02 21.81
C ARG A 315 -7.98 -16.15 23.28
N ARG A 316 -6.79 -16.74 23.53
CA ARG A 316 -6.18 -16.90 24.85
C ARG A 316 -5.75 -15.51 25.33
N ALA A 317 -5.23 -14.67 24.40
CA ALA A 317 -4.81 -13.30 24.69
C ALA A 317 -5.99 -12.42 25.06
N ALA A 318 -7.17 -12.66 24.43
CA ALA A 318 -8.42 -11.94 24.69
C ALA A 318 -8.91 -12.19 26.11
N LEU A 319 -8.71 -13.42 26.62
CA LEU A 319 -9.08 -13.79 27.99
C LEU A 319 -8.13 -13.14 28.99
N ILE A 320 -6.81 -13.08 28.66
CA ILE A 320 -5.79 -12.44 29.50
C ILE A 320 -6.07 -10.93 29.56
N ASN A 321 -6.59 -10.37 28.45
CA ASN A 321 -6.99 -8.98 28.34
C ASN A 321 -8.09 -8.70 29.38
N MET A 322 -9.04 -9.65 29.53
CA MET A 322 -10.16 -9.55 30.49
C MET A 322 -9.66 -9.66 31.93
N VAL A 323 -8.70 -10.58 32.18
CA VAL A 323 -8.09 -10.81 33.50
C VAL A 323 -7.27 -9.58 33.90
N PHE A 324 -6.70 -8.88 32.92
CA PHE A 324 -5.95 -7.65 33.16
C PHE A 324 -6.89 -6.57 33.66
N GLN A 325 -8.07 -6.49 33.01
CA GLN A 325 -9.14 -5.53 33.31
C GLN A 325 -9.79 -5.70 34.69
N MET A 326 -10.33 -6.90 35.02
CA MET A 326 -11.08 -7.11 36.27
C MET A 326 -10.60 -8.28 37.17
N GLY A 327 -9.45 -8.88 36.89
CA GLY A 327 -8.90 -9.96 37.69
C GLY A 327 -9.56 -11.32 37.52
N GLU A 328 -8.85 -12.39 37.93
CA GLU A 328 -9.27 -13.80 37.83
C GLU A 328 -10.65 -14.07 38.43
N THR A 329 -10.92 -13.56 39.66
CA THR A 329 -12.17 -13.73 40.39
C THR A 329 -13.36 -13.11 39.64
N GLY A 330 -13.07 -12.02 38.91
CA GLY A 330 -14.06 -11.30 38.11
C GLY A 330 -14.49 -12.05 36.87
N VAL A 331 -13.51 -12.38 36.00
CA VAL A 331 -13.70 -13.11 34.73
C VAL A 331 -14.37 -14.47 34.95
N ALA A 332 -13.96 -15.18 36.03
CA ALA A 332 -14.51 -16.48 36.43
C ALA A 332 -16.04 -16.45 36.59
N GLY A 333 -16.57 -15.27 36.92
CA GLY A 333 -18.00 -15.03 37.10
C GLY A 333 -18.82 -15.12 35.83
N PHE A 334 -18.21 -14.87 34.66
CA PHE A 334 -18.87 -14.92 33.34
C PHE A 334 -19.15 -16.37 32.88
N THR A 335 -19.76 -17.20 33.76
CA THR A 335 -20.07 -18.64 33.56
C THR A 335 -20.82 -18.92 32.25
N ASN A 336 -21.80 -18.07 31.91
CA ASN A 336 -22.62 -18.15 30.69
C ASN A 336 -21.75 -18.07 29.42
N SER A 337 -20.90 -17.03 29.34
CA SER A 337 -19.99 -16.79 28.21
C SER A 337 -18.82 -17.78 28.19
N LEU A 338 -18.27 -18.11 29.37
CA LEU A 338 -17.15 -19.03 29.58
C LEU A 338 -17.50 -20.44 29.08
N ARG A 339 -18.77 -20.84 29.24
CA ARG A 339 -19.31 -22.12 28.78
C ARG A 339 -19.34 -22.14 27.24
N MET A 340 -19.70 -21.01 26.61
CA MET A 340 -19.80 -20.86 25.16
C MET A 340 -18.42 -20.79 24.51
N LEU A 341 -17.45 -20.18 25.21
CA LEU A 341 -16.03 -20.03 24.80
C LEU A 341 -15.36 -21.40 24.75
N GLN A 342 -15.75 -22.29 25.67
CA GLN A 342 -15.25 -23.66 25.75
C GLN A 342 -15.92 -24.53 24.67
N GLN A 343 -17.21 -24.25 24.37
CA GLN A 343 -18.00 -24.97 23.37
C GLN A 343 -17.85 -24.42 21.94
N LYS A 344 -16.97 -23.41 21.77
CA LYS A 344 -16.64 -22.74 20.50
C LYS A 344 -17.85 -22.05 19.83
N ARG A 345 -18.92 -21.76 20.61
CA ARG A 345 -20.12 -21.06 20.13
C ARG A 345 -19.78 -19.57 20.19
N TRP A 346 -18.97 -19.11 19.22
CA TRP A 346 -18.45 -17.75 19.14
C TRP A 346 -19.50 -16.67 19.04
N ASP A 347 -20.45 -16.82 18.10
CA ASP A 347 -21.53 -15.87 17.84
C ASP A 347 -22.47 -15.75 19.05
N GLU A 348 -22.75 -16.89 19.72
CA GLU A 348 -23.61 -16.96 20.91
C GLU A 348 -22.93 -16.30 22.12
N ALA A 349 -21.59 -16.40 22.21
CA ALA A 349 -20.79 -15.78 23.27
C ALA A 349 -20.66 -14.27 23.01
N ALA A 350 -20.53 -13.88 21.72
CA ALA A 350 -20.40 -12.50 21.27
C ALA A 350 -21.61 -11.65 21.62
N VAL A 351 -22.81 -12.25 21.60
CA VAL A 351 -24.06 -11.56 21.94
C VAL A 351 -24.31 -11.61 23.46
N ASN A 352 -23.87 -12.72 24.12
CA ASN A 352 -24.03 -12.91 25.57
C ASN A 352 -23.11 -11.97 26.34
N LEU A 353 -21.88 -11.76 25.83
CA LEU A 353 -20.91 -10.85 26.45
C LEU A 353 -21.37 -9.40 26.26
N ALA A 354 -22.11 -9.11 25.17
CA ALA A 354 -22.65 -7.79 24.84
C ALA A 354 -23.77 -7.39 25.82
N LYS A 355 -24.32 -8.40 26.53
CA LYS A 355 -25.37 -8.26 27.54
C LYS A 355 -24.77 -8.16 28.97
N SER A 356 -23.45 -7.90 29.09
CA SER A 356 -22.78 -7.81 30.39
C SER A 356 -22.54 -6.38 30.85
N ARG A 357 -22.25 -6.22 32.17
CA ARG A 357 -21.93 -4.93 32.79
C ARG A 357 -20.57 -4.44 32.29
N TRP A 358 -19.64 -5.38 31.97
CA TRP A 358 -18.30 -5.13 31.44
C TRP A 358 -18.37 -4.36 30.11
N TYR A 359 -19.39 -4.68 29.30
CA TYR A 359 -19.69 -4.02 28.02
C TYR A 359 -20.34 -2.66 28.30
N ASN A 360 -21.21 -2.59 29.33
CA ASN A 360 -21.91 -1.35 29.71
C ASN A 360 -20.98 -0.33 30.37
N GLN A 361 -19.84 -0.78 30.97
CA GLN A 361 -18.88 0.11 31.62
C GLN A 361 -17.73 0.51 30.68
N THR A 362 -17.25 -0.43 29.86
CA THR A 362 -16.15 -0.17 28.92
C THR A 362 -16.55 -0.70 27.53
N PRO A 363 -17.54 -0.09 26.82
CA PRO A 363 -17.94 -0.64 25.50
C PRO A 363 -16.83 -0.66 24.46
N ASN A 364 -16.03 0.43 24.44
CA ASN A 364 -14.87 0.65 23.55
C ASN A 364 -13.92 -0.56 23.55
N ARG A 365 -13.51 -0.99 24.73
CA ARG A 365 -12.62 -2.13 24.90
C ARG A 365 -13.34 -3.46 24.74
N ALA A 366 -14.55 -3.58 25.31
CA ALA A 366 -15.35 -4.81 25.24
C ALA A 366 -15.60 -5.28 23.81
N LYS A 367 -16.11 -4.39 22.93
CA LYS A 367 -16.37 -4.70 21.52
C LYS A 367 -15.17 -5.41 20.87
N ARG A 368 -13.94 -4.81 21.01
CA ARG A 368 -12.66 -5.31 20.49
C ARG A 368 -12.35 -6.70 21.07
N VAL A 369 -12.40 -6.85 22.41
CA VAL A 369 -12.15 -8.12 23.10
C VAL A 369 -13.11 -9.22 22.60
N ILE A 370 -14.42 -8.90 22.53
CA ILE A 370 -15.50 -9.78 22.04
C ILE A 370 -15.23 -10.22 20.58
N THR A 371 -14.71 -9.31 19.75
CA THR A 371 -14.37 -9.56 18.34
C THR A 371 -13.24 -10.59 18.21
N THR A 372 -12.17 -10.43 19.01
CA THR A 372 -11.01 -11.34 19.04
C THR A 372 -11.46 -12.75 19.46
N PHE A 373 -12.54 -12.85 20.26
CA PHE A 373 -13.12 -14.12 20.68
C PHE A 373 -13.93 -14.77 19.56
N ARG A 374 -14.60 -13.99 18.70
CA ARG A 374 -15.42 -14.57 17.63
C ARG A 374 -14.65 -14.81 16.32
N THR A 375 -13.81 -13.84 15.89
CA THR A 375 -13.03 -13.94 14.65
C THR A 375 -11.81 -14.84 14.77
N GLY A 376 -11.04 -14.67 15.85
CA GLY A 376 -9.77 -15.38 16.06
C GLY A 376 -8.64 -14.64 15.39
N THR A 377 -8.89 -13.37 14.96
CA THR A 377 -7.95 -12.48 14.28
C THR A 377 -7.66 -11.23 15.12
N TRP A 378 -6.53 -10.57 14.81
CA TRP A 378 -6.08 -9.35 15.48
C TRP A 378 -6.60 -8.08 14.79
N ASP A 379 -7.43 -8.26 13.73
CA ASP A 379 -8.05 -7.22 12.90
C ASP A 379 -8.74 -6.10 13.69
N ALA A 380 -9.32 -6.46 14.87
CA ALA A 380 -9.99 -5.54 15.80
C ALA A 380 -9.02 -4.53 16.41
N TYR A 381 -7.71 -4.86 16.41
CA TYR A 381 -6.64 -4.03 16.96
C TYR A 381 -5.69 -3.54 15.85
N ALA A 382 -6.15 -3.62 14.58
CA ALA A 382 -5.36 -3.20 13.43
C ALA A 382 -5.28 -1.66 13.33
N ARG A 383 -4.05 -1.11 13.48
CA ARG A 383 -3.77 0.33 13.38
C ARG A 383 -3.47 0.75 11.96
N MET A 384 -4.10 1.87 11.53
CA MET A 384 -4.01 2.50 10.20
C MET A 384 -4.50 1.61 9.05
N ARG A 385 -5.44 0.69 9.33
CA ARG A 385 -6.00 -0.30 8.39
C ARG A 385 -6.34 0.24 6.98
N LEU A 386 -6.99 1.41 6.88
CA LEU A 386 -7.38 2.00 5.60
C LEU A 386 -6.21 2.65 4.86
N ASP A 387 -5.22 3.16 5.62
CA ASP A 387 -4.00 3.75 5.06
C ASP A 387 -3.06 2.62 4.63
N VAL A 388 -3.11 1.46 5.35
CA VAL A 388 -2.32 0.25 5.08
C VAL A 388 -2.91 -0.49 3.86
N GLU A 389 -4.26 -0.55 3.74
CA GLU A 389 -4.91 -1.17 2.57
C GLU A 389 -4.64 -0.38 1.28
N LEU A 390 -4.34 0.93 1.41
CA LEU A 390 -3.99 1.81 0.29
C LEU A 390 -2.63 1.38 -0.27
N ALA A 391 -1.71 0.94 0.63
CA ALA A 391 -0.38 0.46 0.24
C ALA A 391 -0.50 -0.91 -0.46
N LYS A 392 -1.50 -1.72 -0.07
CA LYS A 392 -1.81 -3.04 -0.64
C LYS A 392 -2.26 -2.86 -2.11
N THR A 393 -3.16 -1.88 -2.35
CA THR A 393 -3.69 -1.52 -3.67
C THR A 393 -2.53 -1.28 -4.63
N LEU A 394 -1.61 -0.39 -4.22
CA LEU A 394 -0.41 -0.01 -4.96
C LEU A 394 0.46 -1.21 -5.32
N GLY A 395 0.63 -2.15 -4.39
CA GLY A 395 1.42 -3.36 -4.60
C GLY A 395 1.00 -4.15 -5.82
N LEU A 396 -0.33 -4.32 -5.98
CA LEU A 396 -0.96 -4.99 -7.12
C LEU A 396 -0.75 -4.18 -8.39
N VAL A 397 -0.91 -2.84 -8.31
CA VAL A 397 -0.72 -1.91 -9.41
C VAL A 397 0.74 -2.00 -9.89
N LEU A 398 1.69 -2.14 -8.93
CA LEU A 398 3.12 -2.28 -9.19
C LEU A 398 3.42 -3.65 -9.79
N ALA A 399 2.67 -4.70 -9.37
CA ALA A 399 2.85 -6.07 -9.87
C ALA A 399 2.49 -6.15 -11.35
N VAL A 400 1.29 -5.62 -11.74
CA VAL A 400 0.80 -5.57 -13.13
C VAL A 400 1.82 -4.82 -13.99
N LEU A 401 2.25 -3.62 -13.54
CA LEU A 401 3.26 -2.76 -14.17
C LEU A 401 4.54 -3.56 -14.45
N LEU A 402 5.04 -4.28 -13.44
CA LEU A 402 6.24 -5.12 -13.54
C LEU A 402 6.05 -6.24 -14.55
N ILE A 403 4.89 -6.94 -14.50
CA ILE A 403 4.52 -8.04 -15.40
C ILE A 403 4.53 -7.56 -16.86
N CYS A 404 3.66 -6.58 -17.18
CA CYS A 404 3.46 -6.02 -18.53
C CYS A 404 4.72 -5.42 -19.17
N TRP A 405 5.50 -4.65 -18.40
CA TRP A 405 6.68 -3.94 -18.91
C TRP A 405 7.96 -4.78 -19.03
N PHE A 406 8.12 -5.87 -18.25
CA PHE A 406 9.32 -6.71 -18.31
C PHE A 406 9.62 -7.24 -19.73
N PRO A 407 8.66 -7.84 -20.49
CA PRO A 407 9.01 -8.32 -21.84
C PRO A 407 9.34 -7.20 -22.84
N VAL A 408 8.65 -6.04 -22.74
CA VAL A 408 8.83 -4.88 -23.62
C VAL A 408 10.22 -4.25 -23.49
N LEU A 409 10.68 -4.05 -22.24
CA LEU A 409 11.99 -3.45 -21.95
C LEU A 409 13.14 -4.42 -22.29
N ALA A 410 12.93 -5.73 -22.09
CA ALA A 410 13.91 -6.79 -22.37
C ALA A 410 14.29 -6.85 -23.85
N LEU A 411 13.29 -6.69 -24.75
CA LEU A 411 13.49 -6.70 -26.21
C LEU A 411 14.25 -5.45 -26.63
N MET A 412 14.02 -4.33 -25.93
CA MET A 412 14.70 -3.06 -26.16
C MET A 412 16.16 -3.15 -25.70
N ALA A 413 16.43 -3.97 -24.66
CA ALA A 413 17.77 -4.22 -24.12
C ALA A 413 18.55 -5.11 -25.09
N HIS A 414 17.87 -6.16 -25.63
CA HIS A 414 18.41 -7.12 -26.60
C HIS A 414 18.78 -6.43 -27.91
N SER A 415 18.04 -5.35 -28.25
CA SER A 415 18.19 -4.52 -29.43
C SER A 415 19.58 -3.86 -29.53
N LEU A 416 20.14 -3.43 -28.39
CA LEU A 416 21.42 -2.73 -28.29
C LEU A 416 22.66 -3.63 -28.28
N ALA A 417 22.51 -4.90 -27.86
CA ALA A 417 23.60 -5.86 -27.78
C ALA A 417 23.83 -6.66 -29.08
N THR A 418 22.74 -7.14 -29.71
CA THR A 418 22.78 -7.93 -30.95
C THR A 418 21.77 -7.46 -32.00
N THR A 419 21.97 -7.91 -33.26
CA THR A 419 21.08 -7.59 -34.39
C THR A 419 19.90 -8.55 -34.34
N LEU A 420 18.68 -8.04 -34.51
CA LEU A 420 17.46 -8.85 -34.46
C LEU A 420 16.72 -8.90 -35.79
N SER A 421 16.37 -10.13 -36.22
CA SER A 421 15.64 -10.37 -37.46
C SER A 421 14.15 -10.01 -37.33
N ASP A 422 13.43 -9.96 -38.48
CA ASP A 422 12.00 -9.63 -38.59
C ASP A 422 11.10 -10.46 -37.65
N GLN A 423 11.53 -11.68 -37.30
CA GLN A 423 10.83 -12.59 -36.39
C GLN A 423 10.76 -12.05 -34.97
N VAL A 424 11.82 -11.33 -34.53
CA VAL A 424 11.91 -10.69 -33.20
C VAL A 424 11.11 -9.38 -33.24
N LYS A 425 11.24 -8.62 -34.36
CA LYS A 425 10.56 -7.35 -34.63
C LYS A 425 9.04 -7.50 -34.55
N LYS A 426 8.49 -8.62 -35.07
CA LYS A 426 7.06 -8.96 -35.04
C LYS A 426 6.59 -9.14 -33.59
N ALA A 427 7.35 -9.94 -32.80
CA ALA A 427 7.08 -10.24 -31.38
C ALA A 427 7.02 -8.99 -30.49
N PHE A 428 7.88 -8.00 -30.78
CA PHE A 428 7.96 -6.74 -30.05
C PHE A 428 6.66 -5.94 -30.12
N ALA A 429 5.99 -5.96 -31.30
CA ALA A 429 4.72 -5.28 -31.54
C ALA A 429 3.59 -5.81 -30.64
N PHE A 430 3.59 -7.13 -30.38
CA PHE A 430 2.59 -7.79 -29.53
C PHE A 430 2.87 -7.60 -28.03
N CYS A 431 4.14 -7.28 -27.68
CA CYS A 431 4.56 -6.99 -26.31
C CYS A 431 4.19 -5.55 -25.98
N SER A 432 4.28 -4.66 -27.00
CA SER A 432 3.94 -3.24 -26.94
C SER A 432 2.46 -3.03 -26.60
N MET A 433 1.61 -4.00 -26.98
CA MET A 433 0.17 -4.03 -26.72
C MET A 433 -0.13 -4.18 -25.21
N LEU A 434 0.82 -4.77 -24.43
CA LEU A 434 0.71 -4.99 -22.98
C LEU A 434 0.69 -3.72 -22.17
N CYS A 435 1.44 -2.68 -22.62
CA CYS A 435 1.48 -1.37 -21.95
C CYS A 435 0.08 -0.79 -21.93
N LEU A 436 -0.66 -0.95 -23.06
CA LEU A 436 -2.04 -0.54 -23.25
C LEU A 436 -2.97 -1.32 -22.29
N ILE A 437 -2.72 -2.64 -22.12
CA ILE A 437 -3.49 -3.53 -21.24
C ILE A 437 -3.25 -3.14 -19.77
N ASN A 438 -1.99 -2.83 -19.41
CA ASN A 438 -1.55 -2.40 -18.08
C ASN A 438 -2.29 -1.15 -17.63
N SER A 439 -2.35 -0.12 -18.51
CA SER A 439 -3.03 1.16 -18.30
C SER A 439 -4.56 1.02 -18.21
N MET A 440 -5.10 -0.10 -18.70
CA MET A 440 -6.52 -0.44 -18.70
C MET A 440 -6.85 -1.21 -17.41
N VAL A 441 -5.95 -2.12 -16.98
CA VAL A 441 -6.10 -2.96 -15.78
C VAL A 441 -5.96 -2.15 -14.47
N ASN A 442 -4.96 -1.24 -14.40
CA ASN A 442 -4.67 -0.40 -13.22
C ASN A 442 -5.91 0.36 -12.66
N PRO A 443 -6.76 1.08 -13.45
CA PRO A 443 -7.93 1.75 -12.84
C PRO A 443 -9.03 0.79 -12.39
N VAL A 444 -8.99 -0.49 -12.82
CA VAL A 444 -9.94 -1.52 -12.42
C VAL A 444 -9.55 -2.00 -11.00
N ILE A 445 -8.23 -2.03 -10.69
CA ILE A 445 -7.68 -2.40 -9.38
C ILE A 445 -8.14 -1.37 -8.33
N TYR A 446 -8.04 -0.06 -8.68
CA TYR A 446 -8.48 1.06 -7.84
C TYR A 446 -10.00 1.05 -7.68
N ALA A 447 -10.73 0.58 -8.71
CA ALA A 447 -12.19 0.49 -8.71
C ALA A 447 -12.70 -0.68 -7.86
N LEU A 448 -11.80 -1.58 -7.40
CA LEU A 448 -12.18 -2.74 -6.60
C LEU A 448 -11.58 -2.76 -5.19
N ARG A 449 -10.30 -2.35 -5.02
CA ARG A 449 -9.66 -2.37 -3.70
C ARG A 449 -9.92 -1.10 -2.89
N SER A 450 -9.54 0.08 -3.44
CA SER A 450 -9.68 1.38 -2.77
C SER A 450 -11.08 1.56 -2.18
N GLU A 451 -11.18 1.48 -0.83
CA GLU A 451 -12.44 1.62 -0.10
C GLU A 451 -13.01 3.02 -0.22
N GLU A 452 -12.16 4.07 -0.19
CA GLU A 452 -12.58 5.46 -0.33
C GLU A 452 -13.15 5.74 -1.72
N ILE A 453 -12.61 5.06 -2.76
CA ILE A 453 -13.07 5.16 -4.15
C ILE A 453 -14.40 4.39 -4.32
N ARG A 454 -14.48 3.16 -3.76
CA ARG A 454 -15.67 2.32 -3.80
C ARG A 454 -16.84 2.90 -2.99
N SER A 455 -16.53 3.64 -1.89
CA SER A 455 -17.53 4.30 -1.04
C SER A 455 -18.05 5.56 -1.77
N SER A 456 -17.16 6.23 -2.53
CA SER A 456 -17.50 7.43 -3.32
C SER A 456 -18.22 7.05 -4.62
N ALA A 457 -18.02 5.80 -5.09
CA ALA A 457 -18.65 5.25 -6.30
C ALA A 457 -20.18 5.19 -6.19
N HIS A 458 -20.71 5.20 -4.95
CA HIS A 458 -22.15 5.18 -4.65
C HIS A 458 -22.77 6.60 -4.69
N HIS A 459 -21.94 7.65 -4.42
CA HIS A 459 -22.38 9.06 -4.35
C HIS A 459 -21.99 9.94 -5.55
N CYS A 460 -20.70 9.90 -5.96
CA CYS A 460 -20.14 10.76 -7.02
C CYS A 460 -20.81 10.62 -8.39
N LEU A 461 -20.97 9.39 -8.92
CA LEU A 461 -21.56 9.11 -10.23
C LEU A 461 -22.97 9.68 -10.45
N ALA A 462 -23.85 9.57 -9.42
CA ALA A 462 -25.22 10.09 -9.47
C ALA A 462 -25.23 11.59 -9.17
C1 E3R B . 5.84 2.99 -28.15
C2 E3R B . 6.12 1.80 -27.47
C3 E3R B . 6.28 0.63 -28.27
C4 E3R B . 6.17 0.68 -29.66
C5 E3R B . 5.94 1.90 -30.36
N1 E3R B . 12.98 6.25 -25.93
C10 E3R B . 7.00 1.42 -32.59
C11 E3R B . 6.67 1.38 -34.12
C12 E3R B . 6.07 2.72 -34.66
C13 E3R B . 4.95 3.29 -33.76
C14 E3R B . 7.95 1.10 -34.90
C15 E3R B . 4.74 5.77 -31.76
C16 E3R B . 3.23 3.88 -31.14
C17 E3R B . 6.18 1.77 -26.03
C18 E3R B . 6.96 2.95 -25.43
C19 E3R B . 6.74 0.45 -25.48
C20 E3R B . 4.75 1.87 -25.47
C21 E3R B . 8.47 2.92 -25.74
C22 E3R B . 9.01 4.35 -25.66
C23 E3R B . 10.19 4.47 -26.61
C24 E3R B . 11.48 4.18 -25.86
C25 E3R B . 12.32 5.35 -25.90
C6 E3R B . 5.72 3.04 -29.54
C7 E3R B . 5.77 1.95 -31.79
C8 E3R B . 5.54 3.41 -32.33
C9 E3R B . 4.71 4.30 -31.32
O1 E3R B . 5.41 4.26 -30.10
O2 E3R B . 8.19 -0.31 -34.94
O3 E3R B . 6.32 -0.47 -30.38
#